data_5FGP
#
_entry.id   5FGP
#
_cell.length_a   81.940
_cell.length_b   40.190
_cell.length_c   48.810
_cell.angle_alpha   90.00
_cell.angle_beta   90.00
_cell.angle_gamma   90.00
#
_symmetry.space_group_name_H-M   'P 21 21 2'
#
loop_
_entity.id
_entity.type
_entity.pdbx_description
1 polymer 'CG1507-PB, isoform B'
2 polymer DNA
3 non-polymer 'CHLORIDE ION'
4 non-polymer 'SULFATE ION'
5 water water
#
loop_
_entity_poly.entity_id
_entity_poly.type
_entity_poly.pdbx_seq_one_letter_code
_entity_poly.pdbx_strand_id
1 'polypeptide(L)'
;GPLGSVEQELATK(MSE)LQIQSKRFYLDVKQNRRGRFIKVAEIGADGRRSQIYLALSTAAEFRDHLSSFSDYYASLGPP
NTDNLPEDGKLKSE(MSE)(MSE)IKDYRRYYLDLKENARGRFLRVSQTITRGGPRSQIALPAQG(MSE)IEFRDALTDL
LEEFGAND
;
A
2 'polydeoxyribonucleotide' (DG)(DC)(DG)(DG)(DC)(DG)(DG) B
#
loop_
_chem_comp.id
_chem_comp.type
_chem_comp.name
_chem_comp.formula
CL non-polymer 'CHLORIDE ION' 'Cl -1'
DC DNA linking 2'-DEOXYCYTIDINE-5'-MONOPHOSPHATE 'C9 H14 N3 O7 P'
DG DNA linking 2'-DEOXYGUANOSINE-5'-MONOPHOSPHATE 'C10 H14 N5 O7 P'
SO4 non-polymer 'SULFATE ION' 'O4 S -2'
#
# COMPACT_ATOMS: atom_id res chain seq x y z
N VAL A 6 -17.35 -15.59 5.88
CA VAL A 6 -17.29 -15.59 7.34
C VAL A 6 -16.03 -14.82 7.76
N GLU A 7 -16.13 -13.49 7.77
CA GLU A 7 -15.03 -12.60 8.14
C GLU A 7 -15.47 -11.63 9.21
N GLN A 8 -14.95 -11.82 10.42
CA GLN A 8 -15.35 -10.98 11.52
C GLN A 8 -14.51 -9.70 11.55
N GLU A 9 -15.19 -8.55 11.58
CA GLU A 9 -14.51 -7.26 11.70
C GLU A 9 -13.95 -7.06 13.11
N LEU A 10 -12.70 -6.59 13.21
CA LEU A 10 -12.04 -6.46 14.51
C LEU A 10 -11.62 -5.02 14.87
N ALA A 11 -11.35 -4.19 13.87
CA ALA A 11 -10.97 -2.78 14.08
C ALA A 11 -10.92 -2.09 12.73
N THR A 12 -11.06 -0.77 12.73
CA THR A 12 -11.10 -0.02 11.48
C THR A 12 -10.40 1.34 11.61
N LYS A 13 -9.83 1.81 10.51
CA LYS A 13 -9.38 3.19 10.40
C LYS A 13 -9.70 3.73 9.01
N MSE A 14 -10.14 4.98 8.98
CA MSE A 14 -10.44 5.63 7.71
C MSE A 14 -9.59 6.87 7.59
O MSE A 14 -9.47 7.62 8.54
CB MSE A 14 -11.92 6.00 7.58
CG MSE A 14 -12.30 6.58 6.21
SE MSE A 14 -12.04 8.51 6.08
CE MSE A 14 -13.75 9.04 6.86
N LEU A 15 -9.00 7.05 6.41
CA LEU A 15 -8.14 8.21 6.14
C LEU A 15 -8.62 8.91 4.88
N GLN A 16 -8.63 10.23 4.90
CA GLN A 16 -8.89 11.01 3.70
C GLN A 16 -7.57 11.54 3.21
N ILE A 17 -7.11 11.08 2.04
CA ILE A 17 -5.85 11.55 1.49
C ILE A 17 -6.04 12.09 0.07
N GLN A 18 -5.86 13.39 -0.08
CA GLN A 18 -6.17 14.12 -1.30
C GLN A 18 -7.60 13.77 -1.74
N SER A 19 -7.81 13.30 -2.96
CA SER A 19 -9.19 13.02 -3.39
C SER A 19 -9.64 11.60 -3.08
N LYS A 20 -8.82 10.86 -2.34
CA LYS A 20 -9.11 9.46 -2.05
C LYS A 20 -9.47 9.22 -0.57
N ARG A 21 -10.22 8.15 -0.33
CA ARG A 21 -10.39 7.63 1.02
C ARG A 21 -9.76 6.24 1.13
N PHE A 22 -9.08 6.00 2.24
CA PHE A 22 -8.49 4.70 2.51
C PHE A 22 -9.12 4.10 3.74
N TYR A 23 -9.51 2.85 3.65
CA TYR A 23 -9.92 2.11 4.84
C TYR A 23 -8.91 1.03 5.19
N LEU A 24 -8.52 0.99 6.44
CA LEU A 24 -7.70 -0.08 6.96
C LEU A 24 -8.58 -0.90 7.92
N ASP A 25 -8.84 -2.16 7.59
CA ASP A 25 -9.69 -3.01 8.43
C ASP A 25 -8.96 -4.25 8.86
N VAL A 26 -8.85 -4.46 10.17
CA VAL A 26 -8.37 -5.73 10.69
C VAL A 26 -9.54 -6.72 10.79
N LYS A 27 -9.39 -7.88 10.17
CA LYS A 27 -10.47 -8.87 10.18
C LYS A 27 -9.92 -10.25 10.50
N GLN A 28 -10.82 -11.20 10.70
CA GLN A 28 -10.44 -12.57 10.99
CA GLN A 28 -10.41 -12.57 10.93
C GLN A 28 -11.38 -13.56 10.29
N ASN A 29 -10.83 -14.63 9.74
CA ASN A 29 -11.69 -15.71 9.27
C ASN A 29 -11.21 -16.98 9.94
N ARG A 30 -11.70 -18.12 9.49
CA ARG A 30 -11.39 -19.38 10.16
C ARG A 30 -9.90 -19.69 10.11
N ARG A 31 -9.20 -19.24 9.09
CA ARG A 31 -7.77 -19.51 9.07
C ARG A 31 -6.95 -18.51 9.89
N GLY A 32 -7.45 -17.29 10.01
CA GLY A 32 -6.72 -16.33 10.82
C GLY A 32 -7.01 -14.87 10.59
N ARG A 33 -6.12 -14.02 11.10
CA ARG A 33 -6.28 -12.57 11.01
C ARG A 33 -5.56 -11.96 9.82
N PHE A 34 -6.09 -10.85 9.34
CA PHE A 34 -5.47 -10.15 8.22
C PHE A 34 -5.92 -8.71 8.26
N ILE A 35 -5.25 -7.89 7.46
CA ILE A 35 -5.63 -6.50 7.30
C ILE A 35 -6.01 -6.27 5.86
N LYS A 36 -7.20 -5.75 5.65
CA LYS A 36 -7.65 -5.35 4.34
C LYS A 36 -7.39 -3.84 4.15
N VAL A 37 -6.74 -3.49 3.04
CA VAL A 37 -6.52 -2.08 2.71
C VAL A 37 -7.35 -1.71 1.48
N ALA A 38 -8.32 -0.82 1.65
CA ALA A 38 -9.15 -0.40 0.51
C ALA A 38 -8.88 1.05 0.10
N GLU A 39 -8.74 1.27 -1.19
CA GLU A 39 -8.66 2.61 -1.75
C GLU A 39 -9.96 2.98 -2.48
N ILE A 40 -10.60 4.08 -2.09
CA ILE A 40 -11.78 4.52 -2.81
C ILE A 40 -11.50 5.82 -3.54
N GLY A 41 -11.54 5.79 -4.88
CA GLY A 41 -11.24 6.99 -5.64
C GLY A 41 -12.36 8.03 -5.51
N ALA A 42 -12.11 9.24 -5.98
CA ALA A 42 -13.11 10.30 -5.89
C ALA A 42 -14.39 9.93 -6.65
N ASP A 43 -14.27 9.10 -7.67
CA ASP A 43 -15.45 8.68 -8.44
C ASP A 43 -16.15 7.47 -7.83
N GLY A 44 -15.63 6.95 -6.72
CA GLY A 44 -16.20 5.76 -6.10
C GLY A 44 -15.54 4.42 -6.42
N ARG A 45 -14.65 4.40 -7.41
CA ARG A 45 -13.91 3.17 -7.76
C ARG A 45 -13.12 2.57 -6.58
N ARG A 46 -13.34 1.28 -6.32
CA ARG A 46 -12.68 0.58 -5.23
C ARG A 46 -11.50 -0.29 -5.69
N SER A 47 -10.37 -0.21 -5.00
CA SER A 47 -9.27 -1.17 -5.13
C SER A 47 -8.88 -1.68 -3.76
N GLN A 48 -8.62 -2.97 -3.63
CA GLN A 48 -8.28 -3.56 -2.31
C GLN A 48 -7.12 -4.55 -2.34
N ILE A 49 -6.29 -4.52 -1.30
CA ILE A 49 -5.30 -5.58 -1.09
C ILE A 49 -5.44 -6.17 0.31
N TYR A 50 -5.03 -7.44 0.44
CA TYR A 50 -5.12 -8.14 1.73
C TYR A 50 -3.73 -8.49 2.21
N LEU A 51 -3.47 -8.29 3.50
CA LEU A 51 -2.15 -8.50 4.07
C LEU A 51 -2.21 -9.33 5.36
N ALA A 52 -1.37 -10.35 5.44
CA ALA A 52 -1.10 -11.02 6.71
C ALA A 52 -0.55 -9.98 7.68
N LEU A 53 -0.71 -10.21 8.97
CA LEU A 53 -0.25 -9.22 9.94
CA LEU A 53 -0.24 -9.25 9.96
C LEU A 53 1.28 -9.08 9.89
N SER A 54 1.98 -10.17 9.59
CA SER A 54 3.44 -10.05 9.51
C SER A 54 3.79 -9.15 8.33
N THR A 55 3.11 -9.33 7.21
CA THR A 55 3.35 -8.49 6.03
C THR A 55 3.00 -7.03 6.31
N ALA A 56 1.93 -6.81 7.10
CA ALA A 56 1.50 -5.46 7.44
C ALA A 56 2.57 -4.76 8.23
N ALA A 57 3.18 -5.46 9.19
CA ALA A 57 4.27 -4.85 9.96
C ALA A 57 5.48 -4.54 9.08
N GLU A 58 5.82 -5.44 8.14
CA GLU A 58 6.88 -5.20 7.15
C GLU A 58 6.61 -3.93 6.36
N PHE A 59 5.39 -3.85 5.85
CA PHE A 59 4.89 -2.69 5.14
C PHE A 59 5.07 -1.42 5.99
N ARG A 60 4.58 -1.46 7.23
CA ARG A 60 4.71 -0.31 8.12
C ARG A 60 6.18 0.13 8.29
N ASP A 61 7.06 -0.84 8.51
CA ASP A 61 8.50 -0.56 8.64
C ASP A 61 9.06 0.15 7.40
N HIS A 62 8.79 -0.39 6.22
CA HIS A 62 9.27 0.18 4.95
C HIS A 62 8.76 1.59 4.65
N LEU A 63 7.55 1.92 5.09
CA LEU A 63 6.99 3.23 4.79
C LEU A 63 7.91 4.37 5.24
N SER A 64 8.58 4.20 6.36
CA SER A 64 9.48 5.25 6.83
C SER A 64 10.62 5.54 5.85
N SER A 65 11.27 4.52 5.29
CA SER A 65 12.36 4.76 4.36
C SER A 65 11.81 5.42 3.08
N PHE A 66 10.61 5.02 2.68
CA PHE A 66 10.01 5.64 1.49
C PHE A 66 9.76 7.09 1.79
N SER A 67 9.26 7.40 2.98
CA SER A 67 8.99 8.78 3.35
CA SER A 67 8.97 8.79 3.31
C SER A 67 10.28 9.61 3.45
N ASP A 68 11.31 9.01 4.05
CA ASP A 68 12.63 9.68 4.13
C ASP A 68 13.14 10.01 2.72
N TYR A 69 13.06 9.02 1.83
CA TYR A 69 13.52 9.21 0.47
C TYR A 69 12.73 10.30 -0.22
N TYR A 70 11.41 10.24 -0.08
CA TYR A 70 10.54 11.22 -0.71
C TYR A 70 10.86 12.63 -0.21
N ALA A 71 11.04 12.77 1.09
CA ALA A 71 11.27 14.10 1.67
C ALA A 71 12.56 14.75 1.13
N SER A 72 13.49 13.95 0.64
CA SER A 72 14.77 14.47 0.17
C SER A 72 14.79 14.84 -1.33
N LEU A 73 13.72 14.51 -2.04
CA LEU A 73 13.70 14.72 -3.49
C LEU A 73 13.57 16.18 -3.88
N GLY A 74 14.24 16.54 -4.97
CA GLY A 74 14.01 17.81 -5.64
C GLY A 74 12.98 17.63 -6.75
N PRO A 75 12.94 18.55 -7.72
CA PRO A 75 11.94 18.46 -8.78
C PRO A 75 12.21 17.26 -9.68
N PRO A 76 11.18 16.73 -10.36
CA PRO A 76 11.44 15.58 -11.24
C PRO A 76 12.28 16.11 -12.34
N ASN A 77 12.98 15.32 -13.11
CA ASN A 77 13.18 15.99 -14.35
C ASN A 77 13.15 15.05 -15.50
N THR A 78 12.55 15.68 -16.50
CA THR A 78 11.81 15.13 -17.58
C THR A 78 12.62 15.41 -18.82
N ASP A 79 13.02 14.35 -19.52
CA ASP A 79 13.71 14.47 -20.81
C ASP A 79 12.63 14.40 -21.89
N ASN A 80 12.93 14.04 -23.14
CA ASN A 80 11.83 14.06 -24.08
C ASN A 80 11.41 12.65 -24.55
N LEU A 81 11.64 11.66 -23.69
CA LEU A 81 11.05 10.36 -23.94
C LEU A 81 10.14 10.02 -22.77
N PRO A 82 9.16 9.13 -22.98
CA PRO A 82 8.39 8.73 -21.80
C PRO A 82 9.29 8.01 -20.80
N GLU A 83 8.84 7.97 -19.55
CA GLU A 83 9.58 7.27 -18.50
C GLU A 83 8.62 6.51 -17.62
N ASP A 84 8.96 5.28 -17.28
CA ASP A 84 8.37 4.64 -16.12
C ASP A 84 9.22 5.11 -14.96
N GLY A 85 10.25 4.31 -14.69
CA GLY A 85 11.16 4.57 -13.61
C GLY A 85 10.52 4.39 -12.26
N LYS A 86 11.08 3.48 -11.48
CA LYS A 86 10.87 3.49 -10.05
C LYS A 86 11.93 4.44 -9.49
N LEU A 87 11.52 5.33 -8.59
CA LEU A 87 12.50 6.09 -7.80
C LEU A 87 13.11 5.20 -6.71
N LYS A 88 12.30 4.28 -6.22
CA LYS A 88 12.69 3.40 -5.14
C LYS A 88 11.74 2.22 -5.12
N SER A 89 12.28 1.02 -4.89
CA SER A 89 11.49 -0.21 -4.92
C SER A 89 11.84 -1.13 -3.76
N GLU A 90 10.83 -1.86 -3.28
CA GLU A 90 11.03 -2.96 -2.33
C GLU A 90 10.01 -4.01 -2.66
N MSE A 91 10.27 -5.25 -2.27
CA MSE A 91 9.33 -6.34 -2.48
C MSE A 91 9.14 -7.10 -1.17
O MSE A 91 10.10 -7.26 -0.41
CB MSE A 91 9.80 -7.26 -3.60
CG MSE A 91 8.91 -8.48 -3.83
SE MSE A 91 9.73 -9.76 -5.07
CE MSE A 91 11.36 -10.10 -4.07
N MSE A 92 7.92 -7.56 -0.91
CA MSE A 92 7.63 -8.39 0.25
C MSE A 92 7.01 -9.70 -0.23
O MSE A 92 6.38 -9.76 -1.29
CB MSE A 92 6.67 -7.67 1.22
CG MSE A 92 7.06 -6.22 1.51
SE MSE A 92 5.75 -5.42 2.71
CE MSE A 92 4.19 -5.36 1.52
N ILE A 93 7.21 -10.76 0.53
CA ILE A 93 6.65 -12.05 0.15
CA ILE A 93 6.70 -12.07 0.15
C ILE A 93 5.92 -12.67 1.32
N LYS A 94 4.80 -13.31 1.01
CA LYS A 94 4.06 -14.11 1.98
C LYS A 94 3.48 -15.30 1.25
N ASP A 95 4.02 -16.48 1.55
CA ASP A 95 3.62 -17.71 0.90
C ASP A 95 3.85 -17.59 -0.60
N TYR A 96 2.78 -17.57 -1.38
CA TYR A 96 2.93 -17.46 -2.83
C TYR A 96 2.53 -16.07 -3.33
N ARG A 97 2.23 -15.19 -2.39
CA ARG A 97 1.89 -13.81 -2.73
C ARG A 97 3.12 -12.92 -2.75
N ARG A 98 3.19 -12.05 -3.75
CA ARG A 98 4.24 -11.05 -3.76
C ARG A 98 3.66 -9.65 -3.76
N TYR A 99 4.29 -8.77 -3.00
CA TYR A 99 3.87 -7.38 -2.92
C TYR A 99 5.01 -6.47 -3.39
N TYR A 100 4.71 -5.63 -4.38
CA TYR A 100 5.73 -4.70 -4.86
C TYR A 100 5.39 -3.31 -4.40
N LEU A 101 6.34 -2.67 -3.72
CA LEU A 101 6.21 -1.27 -3.30
C LEU A 101 7.10 -0.39 -4.18
N ASP A 102 6.50 0.43 -5.02
CA ASP A 102 7.28 1.33 -5.89
C ASP A 102 6.92 2.78 -5.66
N LEU A 103 7.92 3.59 -5.37
CA LEU A 103 7.74 5.04 -5.35
C LEU A 103 7.93 5.54 -6.76
N LYS A 104 6.92 6.22 -7.29
CA LYS A 104 6.99 6.67 -8.67
C LYS A 104 6.57 8.13 -8.78
N GLU A 105 6.90 8.74 -9.92
CA GLU A 105 6.48 10.11 -10.17
C GLU A 105 5.82 10.17 -11.55
N ASN A 106 4.83 11.04 -11.68
CA ASN A 106 4.24 11.33 -12.96
C ASN A 106 3.77 12.77 -12.91
N ALA A 107 3.01 13.19 -13.90
CA ALA A 107 2.54 14.58 -13.96
C ALA A 107 1.63 14.94 -12.79
N ARG A 108 1.12 13.93 -12.10
CA ARG A 108 0.17 14.14 -11.00
C ARG A 108 0.85 14.12 -9.63
N GLY A 109 2.17 14.01 -9.63
CA GLY A 109 2.93 14.06 -8.40
C GLY A 109 3.67 12.76 -8.12
N ARG A 110 4.21 12.65 -6.91
CA ARG A 110 4.87 11.42 -6.46
C ARG A 110 3.84 10.53 -5.75
N PHE A 111 3.97 9.21 -5.88
CA PHE A 111 3.02 8.30 -5.21
C PHE A 111 3.62 6.94 -4.97
N LEU A 112 3.09 6.26 -3.95
CA LEU A 112 3.54 4.91 -3.66
C LEU A 112 2.58 3.93 -4.29
N ARG A 113 3.10 3.13 -5.21
CA ARG A 113 2.30 2.07 -5.82
CA ARG A 113 2.29 2.08 -5.81
C ARG A 113 2.48 0.78 -5.04
N VAL A 114 1.38 0.19 -4.59
CA VAL A 114 1.49 -1.07 -3.86
C VAL A 114 0.78 -2.13 -4.66
N SER A 115 1.52 -3.08 -5.21
CA SER A 115 0.89 -4.06 -6.09
CA SER A 115 0.97 -4.07 -6.14
C SER A 115 1.04 -5.47 -5.54
N GLN A 116 -0.08 -6.19 -5.57
CA GLN A 116 -0.14 -7.58 -5.11
C GLN A 116 -0.37 -8.52 -6.28
N THR A 117 0.46 -9.56 -6.37
CA THR A 117 0.39 -10.50 -7.48
CA THR A 117 0.31 -10.52 -7.46
C THR A 117 0.75 -11.92 -7.05
N ILE A 118 0.31 -12.90 -7.83
CA ILE A 118 0.67 -14.29 -7.63
C ILE A 118 1.27 -14.86 -8.90
N THR A 119 0.51 -14.84 -9.99
CA THR A 119 0.99 -15.33 -11.28
CA THR A 119 0.98 -15.34 -11.27
C THR A 119 0.64 -14.35 -12.38
N ARG A 120 1.40 -14.40 -13.47
CA ARG A 120 1.15 -13.50 -14.61
C ARG A 120 -0.31 -13.54 -15.08
N GLY A 121 -0.86 -14.72 -15.27
CA GLY A 121 -2.23 -14.81 -15.77
C GLY A 121 -3.36 -14.72 -14.75
N GLY A 122 -3.07 -14.26 -13.54
CA GLY A 122 -4.03 -14.39 -12.44
C GLY A 122 -4.55 -13.09 -11.85
N PRO A 123 -5.26 -13.19 -10.71
CA PRO A 123 -5.86 -11.98 -10.13
C PRO A 123 -4.79 -11.02 -9.63
N ARG A 124 -4.95 -9.74 -9.96
CA ARG A 124 -4.01 -8.73 -9.50
C ARG A 124 -4.76 -7.60 -8.82
N SER A 125 -4.10 -6.99 -7.85
CA SER A 125 -4.67 -5.90 -7.07
CA SER A 125 -4.68 -5.86 -7.15
C SER A 125 -3.59 -4.85 -6.79
N GLN A 126 -3.97 -3.59 -6.77
CA GLN A 126 -3.02 -2.52 -6.50
C GLN A 126 -3.71 -1.31 -5.90
N ILE A 127 -2.98 -0.58 -5.07
CA ILE A 127 -3.46 0.69 -4.57
C ILE A 127 -2.39 1.73 -4.83
N ALA A 128 -2.81 2.98 -4.90
CA ALA A 128 -1.89 4.07 -5.20
C ALA A 128 -2.06 5.17 -4.16
N LEU A 129 -1.01 5.38 -3.38
CA LEU A 129 -1.06 6.28 -2.23
C LEU A 129 -0.22 7.53 -2.52
N PRO A 130 -0.84 8.72 -2.60
CA PRO A 130 -0.06 9.95 -2.80
C PRO A 130 1.12 10.02 -1.81
N ALA A 131 2.29 10.44 -2.26
CA ALA A 131 3.47 10.40 -1.38
C ALA A 131 3.25 11.22 -0.10
N GLN A 132 2.50 12.31 -0.22
CA GLN A 132 2.23 13.19 0.92
C GLN A 132 1.45 12.48 2.04
N GLY A 133 0.77 11.38 1.71
CA GLY A 133 -0.03 10.68 2.69
C GLY A 133 0.64 9.51 3.40
N MSE A 134 1.90 9.25 3.07
CA MSE A 134 2.55 8.05 3.57
C MSE A 134 2.77 8.06 5.08
O MSE A 134 2.59 7.04 5.73
CB MSE A 134 3.89 7.82 2.84
CG MSE A 134 3.72 7.40 1.38
SE MSE A 134 5.43 6.93 0.52
CE MSE A 134 6.36 8.64 0.66
N ILE A 135 3.14 9.22 5.63
CA ILE A 135 3.30 9.34 7.09
C ILE A 135 1.98 9.06 7.81
N GLU A 136 0.91 9.73 7.38
CA GLU A 136 -0.40 9.51 8.01
C GLU A 136 -0.81 8.03 7.91
N PHE A 137 -0.59 7.44 6.74
CA PHE A 137 -0.94 6.05 6.51
C PHE A 137 -0.12 5.13 7.42
N ARG A 138 1.19 5.36 7.45
CA ARG A 138 2.09 4.64 8.36
C ARG A 138 1.61 4.66 9.82
N ASP A 139 1.26 5.84 10.31
CA ASP A 139 0.90 5.96 11.72
C ASP A 139 -0.44 5.26 12.00
N ALA A 140 -1.33 5.24 11.00
CA ALA A 140 -2.60 4.52 11.12
C ALA A 140 -2.34 3.02 11.22
N LEU A 141 -1.45 2.52 10.37
CA LEU A 141 -1.09 1.11 10.38
C LEU A 141 -0.47 0.72 11.72
N THR A 142 0.41 1.59 12.23
CA THR A 142 1.02 1.38 13.55
C THR A 142 -0.03 1.27 14.67
N ASP A 143 -1.01 2.15 14.68
CA ASP A 143 -2.04 2.07 15.70
C ASP A 143 -2.73 0.69 15.70
N LEU A 144 -3.06 0.18 14.52
CA LEU A 144 -3.71 -1.13 14.46
C LEU A 144 -2.73 -2.22 14.86
N LEU A 145 -1.49 -2.12 14.40
CA LEU A 145 -0.50 -3.15 14.73
C LEU A 145 -0.27 -3.25 16.24
N GLU A 146 -0.32 -2.12 16.94
CA GLU A 146 -0.12 -2.11 18.39
C GLU A 146 -1.20 -2.95 19.11
N GLU A 147 -2.39 -3.00 18.51
CA GLU A 147 -3.51 -3.73 19.11
C GLU A 147 -3.61 -5.20 18.68
N PHE A 148 -2.91 -5.59 17.61
CA PHE A 148 -3.03 -6.95 17.07
C PHE A 148 -1.69 -7.59 16.74
N GLY A 149 -1.52 -8.84 17.16
CA GLY A 149 -0.33 -9.62 16.85
C GLY A 149 0.99 -8.94 17.17
CL CL C . 1.11 -13.56 10.13
S SO4 D . -11.13 20.12 -3.01
O1 SO4 D . -12.44 20.65 -2.63
O2 SO4 D . -10.09 20.66 -2.15
O3 SO4 D . -11.19 18.66 -2.91
O4 SO4 D . -10.81 20.50 -4.39
#